data_3T4O
#
_entry.id   3T4O
#
_cell.length_a   60.010
_cell.length_b   60.010
_cell.length_c   297.860
_cell.angle_alpha   90.00
_cell.angle_beta   90.00
_cell.angle_gamma   120.00
#
_symmetry.space_group_name_H-M   'P 32 2 1'
#
loop_
_entity.id
_entity.type
_entity.pdbx_description
1 polymer 'Histidine kinase 4'
2 non-polymer (2R)-2-methyl-4-(7H-purin-6-ylamino)butan-1-ol
3 non-polymer 'MALONATE ION'
4 water water
#
_entity_poly.entity_id   1
_entity_poly.type   'polypeptide(L)'
_entity_poly.pdbx_seq_one_letter_code
;MDDANKIRREEVLVSMCDQRARMLQDQFSVSVNHVHALAILVSTFHYHKNPSAIDQETFAEYTARTAFERPLLSGVAYAE
KVVNFEREMFERQHNWVIKTMDRGEPSPVRDEYAPVIFSQDSVSYLESLDMMSGEEDRENILRARETGKAVLTSPFRLLE
THHLGVVLTFPVYKSSLPENPTVEERIAATAGYLGGAFDVESLVENLLGQLAGNQAIVVHVYDITNASDPLVMYGNQDEE
ADRSLSHESKLDFGDPFRKHKMICRYHQKA
;
_entity_poly.pdbx_strand_id   A,B
#
# COMPACT_ATOMS: atom_id res chain seq x y z
N MET A 1 15.90 -31.30 -29.57
CA MET A 1 15.55 -31.32 -31.03
C MET A 1 14.06 -31.62 -31.25
N ASP A 2 13.52 -32.57 -30.49
CA ASP A 2 12.15 -33.12 -30.71
C ASP A 2 11.05 -32.07 -30.88
N ASP A 3 10.08 -32.35 -31.77
CA ASP A 3 8.92 -31.47 -31.98
C ASP A 3 7.95 -31.45 -30.78
N ALA A 4 7.73 -32.59 -30.14
CA ALA A 4 6.89 -32.62 -28.91
C ALA A 4 7.57 -31.86 -27.75
N ASN A 5 8.88 -32.01 -27.64
CA ASN A 5 9.67 -31.33 -26.61
C ASN A 5 9.74 -29.80 -26.88
N LYS A 6 9.75 -29.43 -28.16
CA LYS A 6 9.63 -28.01 -28.56
C LYS A 6 8.30 -27.36 -28.14
N ILE A 7 7.20 -28.11 -28.15
CA ILE A 7 5.90 -27.56 -27.71
C ILE A 7 5.91 -27.24 -26.22
N ARG A 8 6.46 -28.16 -25.43
CA ARG A 8 6.67 -27.94 -24.01
C ARG A 8 7.66 -26.80 -23.70
N ARG A 9 8.70 -26.67 -24.53
CA ARG A 9 9.65 -25.55 -24.44
CA ARG A 9 9.64 -25.54 -24.41
C ARG A 9 8.94 -24.20 -24.57
N GLU A 10 7.99 -24.11 -25.51
CA GLU A 10 7.22 -22.87 -25.66
C GLU A 10 6.27 -22.68 -24.48
N GLU A 11 5.64 -23.75 -24.04
CA GLU A 11 4.74 -23.68 -22.89
C GLU A 11 5.44 -23.12 -21.66
N VAL A 12 6.70 -23.51 -21.45
CA VAL A 12 7.45 -23.05 -20.29
C VAL A 12 7.78 -21.56 -20.46
N LEU A 13 8.19 -21.17 -21.68
CA LEU A 13 8.47 -19.75 -21.95
C LEU A 13 7.25 -18.88 -21.68
N VAL A 14 6.08 -19.27 -22.20
CA VAL A 14 4.82 -18.54 -21.96
C VAL A 14 4.57 -18.36 -20.45
N SER A 15 4.61 -19.47 -19.72
CA SER A 15 4.41 -19.45 -18.26
C SER A 15 5.43 -18.57 -17.52
N MET A 16 6.71 -18.68 -17.87
CA MET A 16 7.74 -17.89 -17.19
C MET A 16 7.58 -16.40 -17.47
N CYS A 17 7.30 -16.08 -18.74
CA CYS A 17 7.15 -14.68 -19.15
C CYS A 17 5.89 -14.08 -18.54
N ASP A 18 4.76 -14.77 -18.64
CA ASP A 18 3.51 -14.26 -18.07
C ASP A 18 3.63 -14.03 -16.57
N GLN A 19 4.31 -14.94 -15.87
CA GLN A 19 4.49 -14.77 -14.42
C GLN A 19 5.32 -13.53 -14.08
N ARG A 20 6.43 -13.35 -14.79
CA ARG A 20 7.27 -12.17 -14.61
C ARG A 20 6.51 -10.87 -14.91
N ALA A 21 5.66 -10.87 -15.94
CA ALA A 21 4.87 -9.69 -16.27
C ALA A 21 3.88 -9.38 -15.15
N ARG A 22 3.19 -10.41 -14.66
CA ARG A 22 2.25 -10.22 -13.56
C ARG A 22 2.96 -9.65 -12.34
N MET A 23 4.16 -10.15 -12.04
CA MET A 23 4.91 -9.70 -10.86
C MET A 23 5.30 -8.24 -11.00
N LEU A 24 5.79 -7.85 -12.19
CA LEU A 24 6.17 -6.47 -12.46
CA LEU A 24 6.17 -6.45 -12.45
C LEU A 24 4.97 -5.52 -12.32
N GLN A 25 3.86 -5.92 -12.93
CA GLN A 25 2.64 -5.09 -12.92
C GLN A 25 2.09 -4.95 -11.50
N ASP A 26 2.05 -6.04 -10.75
CA ASP A 26 1.50 -5.97 -9.40
CA ASP A 26 1.53 -6.00 -9.37
C ASP A 26 2.38 -5.13 -8.49
N GLN A 27 3.69 -5.33 -8.57
CA GLN A 27 4.70 -4.54 -7.83
CA GLN A 27 4.58 -4.53 -7.72
C GLN A 27 4.56 -3.06 -8.09
N PHE A 28 4.37 -2.73 -9.35
CA PHE A 28 4.24 -1.34 -9.71
CA PHE A 28 4.20 -1.35 -9.78
C PHE A 28 2.94 -0.76 -9.17
N SER A 29 1.85 -1.51 -9.31
CA SER A 29 0.54 -1.10 -8.80
C SER A 29 0.57 -0.84 -7.27
N VAL A 30 1.22 -1.74 -6.54
CA VAL A 30 1.40 -1.55 -5.09
C VAL A 30 2.12 -0.23 -4.81
N SER A 31 3.19 0.04 -5.55
CA SER A 31 3.96 1.26 -5.36
C SER A 31 3.18 2.51 -5.67
N VAL A 32 2.45 2.50 -6.78
CA VAL A 32 1.61 3.62 -7.17
C VAL A 32 0.58 3.89 -6.04
N ASN A 33 0.00 2.84 -5.50
CA ASN A 33 -1.03 3.02 -4.48
C ASN A 33 -0.49 3.67 -3.20
N HIS A 34 0.75 3.33 -2.86
CA HIS A 34 1.36 3.91 -1.66
C HIS A 34 1.89 5.31 -1.91
N VAL A 35 2.32 5.59 -3.14
CA VAL A 35 2.58 6.98 -3.50
C VAL A 35 1.30 7.83 -3.40
N HIS A 36 0.16 7.30 -3.80
CA HIS A 36 -1.08 8.01 -3.67
C HIS A 36 -1.32 8.34 -2.17
N ALA A 37 -1.10 7.35 -1.30
CA ALA A 37 -1.25 7.61 0.14
C ALA A 37 -0.35 8.74 0.62
N LEU A 38 0.88 8.79 0.12
CA LEU A 38 1.81 9.87 0.51
C LEU A 38 1.33 11.25 0.05
N ALA A 39 0.72 11.30 -1.13
CA ALA A 39 0.10 12.55 -1.61
C ALA A 39 -0.98 13.02 -0.65
N ILE A 40 -1.81 12.09 -0.20
CA ILE A 40 -2.85 12.36 0.78
C ILE A 40 -2.22 12.75 2.14
N LEU A 41 -1.12 12.10 2.51
CA LEU A 41 -0.35 12.48 3.74
C LEU A 41 0.10 13.96 3.69
N VAL A 42 0.67 14.36 2.58
CA VAL A 42 1.17 15.73 2.44
C VAL A 42 -0.03 16.68 2.52
N SER A 43 -1.11 16.36 1.80
CA SER A 43 -2.30 17.21 1.85
C SER A 43 -2.86 17.37 3.29
N THR A 44 -3.03 16.26 3.99
CA THR A 44 -3.66 16.23 5.30
C THR A 44 -2.74 16.86 6.37
N PHE A 45 -1.47 16.50 6.36
CA PHE A 45 -0.57 16.80 7.50
C PHE A 45 0.28 18.05 7.28
N HIS A 46 0.50 18.43 6.02
CA HIS A 46 1.26 19.64 5.68
C HIS A 46 0.34 20.82 5.36
N TYR A 47 -0.64 20.63 4.48
CA TYR A 47 -1.52 21.71 4.12
C TYR A 47 -2.71 21.92 5.04
N HIS A 48 -3.48 20.88 5.32
CA HIS A 48 -4.68 21.04 6.11
C HIS A 48 -4.40 21.33 7.57
N LYS A 49 -3.38 20.72 8.14
CA LYS A 49 -3.11 20.90 9.56
C LYS A 49 -2.46 22.25 9.79
N ASN A 50 -2.95 22.96 10.82
CA ASN A 50 -2.43 24.26 11.20
C ASN A 50 -1.86 24.13 12.62
N PRO A 51 -0.53 24.11 12.78
CA PRO A 51 0.51 24.23 11.79
C PRO A 51 0.83 22.90 11.13
N SER A 52 1.58 22.96 10.06
CA SER A 52 2.10 21.76 9.40
C SER A 52 2.84 20.83 10.34
N ALA A 53 2.55 19.53 10.21
CA ALA A 53 3.29 18.48 10.93
C ALA A 53 4.49 17.94 10.13
N ILE A 54 4.67 18.40 8.89
CA ILE A 54 5.71 17.83 8.06
C ILE A 54 6.82 18.82 7.79
N ASP A 55 7.97 18.52 8.34
CA ASP A 55 9.23 19.13 7.92
C ASP A 55 10.05 18.08 7.19
N GLN A 56 11.20 18.51 6.69
CA GLN A 56 12.05 17.59 5.92
C GLN A 56 12.39 16.34 6.79
N GLU A 57 12.72 16.58 8.06
CA GLU A 57 13.10 15.48 8.96
CA GLU A 57 13.10 15.49 8.97
C GLU A 57 11.98 14.44 9.08
N THR A 58 10.76 14.93 9.26
CA THR A 58 9.60 14.07 9.36
C THR A 58 9.32 13.30 8.07
N PHE A 59 9.36 13.98 6.94
CA PHE A 59 9.19 13.32 5.66
C PHE A 59 10.22 12.23 5.41
N ALA A 60 11.48 12.54 5.67
CA ALA A 60 12.55 11.57 5.53
C ALA A 60 12.30 10.34 6.40
N GLU A 61 11.91 10.55 7.66
CA GLU A 61 11.73 9.43 8.58
C GLU A 61 10.60 8.55 8.10
N TYR A 62 9.44 9.16 7.85
CA TYR A 62 8.26 8.40 7.47
C TYR A 62 8.46 7.60 6.16
N THR A 63 9.06 8.23 5.15
CA THR A 63 9.35 7.55 3.89
C THR A 63 10.42 6.44 4.00
N ALA A 64 11.44 6.65 4.81
CA ALA A 64 12.44 5.60 5.04
C ALA A 64 11.78 4.37 5.70
N ARG A 65 11.01 4.62 6.75
CA ARG A 65 10.34 3.54 7.49
C ARG A 65 9.30 2.78 6.64
N THR A 66 8.74 3.44 5.63
CA THR A 66 7.75 2.86 4.72
C THR A 66 8.31 2.50 3.33
N ALA A 67 9.63 2.53 3.20
CA ALA A 67 10.23 2.21 1.89
C ALA A 67 9.80 0.86 1.36
N PHE A 68 9.56 -0.11 2.25
CA PHE A 68 9.13 -1.46 1.87
C PHE A 68 7.78 -1.48 1.18
N GLU A 69 6.99 -0.43 1.37
CA GLU A 69 5.67 -0.30 0.76
C GLU A 69 5.75 0.05 -0.71
N ARG A 70 6.93 0.51 -1.18
CA ARG A 70 7.08 1.07 -2.52
C ARG A 70 8.20 0.35 -3.26
N PRO A 71 7.98 -0.95 -3.51
CA PRO A 71 9.08 -1.79 -3.96
C PRO A 71 9.80 -1.35 -5.22
N LEU A 72 9.15 -0.75 -6.17
CA LEU A 72 9.99 -0.51 -7.38
C LEU A 72 10.55 0.94 -7.45
N LEU A 73 10.41 1.65 -6.34
CA LEU A 73 10.82 3.05 -6.28
C LEU A 73 12.16 3.21 -5.54
N SER A 74 13.07 3.98 -6.11
CA SER A 74 14.35 4.25 -5.46
C SER A 74 14.20 5.38 -4.43
N GLY A 75 13.15 6.17 -4.56
CA GLY A 75 12.94 7.31 -3.68
C GLY A 75 11.69 8.06 -4.05
N VAL A 76 11.16 8.81 -3.09
CA VAL A 76 10.03 9.71 -3.31
C VAL A 76 10.39 11.09 -2.78
N ALA A 77 9.74 12.11 -3.34
CA ALA A 77 9.95 13.48 -2.94
C ALA A 77 8.68 14.30 -3.24
N TYR A 78 8.58 15.44 -2.59
CA TYR A 78 7.49 16.37 -2.81
C TYR A 78 8.03 17.71 -3.30
N ALA A 79 7.53 18.12 -4.48
CA ALA A 79 7.86 19.40 -5.10
C ALA A 79 6.69 20.36 -4.96
N GLU A 80 6.97 21.59 -4.54
CA GLU A 80 5.91 22.56 -4.36
C GLU A 80 5.80 23.45 -5.57
N LYS A 81 4.59 23.75 -5.98
CA LYS A 81 4.39 24.73 -7.06
C LYS A 81 4.70 26.15 -6.59
N VAL A 82 5.55 26.85 -7.34
CA VAL A 82 5.96 28.20 -7.05
C VAL A 82 5.86 29.00 -8.34
N VAL A 83 5.04 30.03 -8.34
CA VAL A 83 4.99 30.91 -9.51
CA VAL A 83 4.93 30.94 -9.47
C VAL A 83 6.01 32.03 -9.34
N ASN A 84 6.45 32.60 -10.46
CA ASN A 84 7.54 33.54 -10.40
C ASN A 84 7.32 34.74 -9.49
N PHE A 85 6.08 35.23 -9.43
CA PHE A 85 5.78 36.38 -8.55
CA PHE A 85 5.72 36.33 -8.57
C PHE A 85 6.11 36.06 -7.11
N GLU A 86 6.05 34.79 -6.75
CA GLU A 86 6.31 34.30 -5.37
C GLU A 86 7.74 33.83 -5.10
N ARG A 87 8.58 33.77 -6.13
CA ARG A 87 9.85 33.08 -5.99
C ARG A 87 10.74 33.69 -4.94
N GLU A 88 10.91 35.02 -4.96
CA GLU A 88 11.81 35.68 -3.98
C GLU A 88 11.35 35.42 -2.56
N MET A 89 10.04 35.48 -2.33
CA MET A 89 9.44 35.20 -1.04
CA MET A 89 9.47 35.20 -1.01
C MET A 89 9.72 33.75 -0.59
N PHE A 90 9.47 32.81 -1.49
CA PHE A 90 9.74 31.39 -1.23
C PHE A 90 11.20 31.12 -0.84
N GLU A 91 12.13 31.68 -1.62
CA GLU A 91 13.56 31.48 -1.36
C GLU A 91 14.00 32.10 -0.02
N ARG A 92 13.45 33.27 0.31
CA ARG A 92 13.77 33.92 1.57
CA ARG A 92 13.77 33.92 1.57
C ARG A 92 13.26 33.09 2.75
N GLN A 93 12.04 32.55 2.62
CA GLN A 93 11.45 31.74 3.69
CA GLN A 93 11.46 31.75 3.70
C GLN A 93 12.24 30.46 3.91
N HIS A 94 12.63 29.81 2.82
CA HIS A 94 13.36 28.53 2.87
C HIS A 94 14.87 28.69 3.10
N ASN A 95 15.39 29.89 2.84
CA ASN A 95 16.81 30.19 2.93
C ASN A 95 17.66 29.36 1.97
N TRP A 96 17.13 29.22 0.77
CA TRP A 96 17.85 28.64 -0.34
C TRP A 96 17.22 29.03 -1.65
N VAL A 97 18.04 28.95 -2.70
CA VAL A 97 17.65 29.32 -4.07
CA VAL A 97 17.58 29.32 -4.03
C VAL A 97 17.18 28.10 -4.85
N ILE A 98 16.15 28.28 -5.68
CA ILE A 98 15.68 27.24 -6.58
C ILE A 98 16.77 26.98 -7.63
N LYS A 99 17.11 25.72 -7.83
CA LYS A 99 18.21 25.37 -8.71
C LYS A 99 17.73 24.59 -9.92
N THR A 100 18.56 24.56 -10.95
CA THR A 100 18.27 23.79 -12.17
C THR A 100 18.76 22.37 -11.99
N MET A 101 18.11 21.40 -12.63
CA MET A 101 18.52 20.02 -12.41
C MET A 101 19.75 19.63 -13.21
N ASP A 102 20.02 20.31 -14.31
CA ASP A 102 21.14 19.86 -15.13
C ASP A 102 22.50 20.20 -14.52
N ARG A 103 22.60 21.33 -13.82
CA ARG A 103 23.89 21.74 -13.24
C ARG A 103 23.83 22.17 -11.77
N GLY A 104 22.65 22.13 -11.16
CA GLY A 104 22.52 22.54 -9.77
C GLY A 104 22.82 24.02 -9.59
N GLU A 105 22.65 24.82 -10.65
CA GLU A 105 22.91 26.25 -10.61
C GLU A 105 21.60 27.01 -10.33
N PRO A 106 21.70 28.26 -9.83
CA PRO A 106 20.48 29.04 -9.60
C PRO A 106 19.60 29.09 -10.86
N SER A 107 18.30 28.87 -10.71
CA SER A 107 17.41 28.85 -11.87
C SER A 107 17.29 30.22 -12.49
N PRO A 108 17.33 30.27 -13.84
CA PRO A 108 16.92 31.50 -14.49
C PRO A 108 15.42 31.77 -14.26
N VAL A 109 14.98 32.95 -14.68
CA VAL A 109 13.59 33.33 -14.53
C VAL A 109 12.72 32.43 -15.43
N ARG A 110 11.72 31.84 -14.83
CA ARG A 110 10.71 31.01 -15.51
C ARG A 110 9.34 31.44 -15.02
N ASP A 111 8.27 31.13 -15.74
CA ASP A 111 6.92 31.52 -15.29
C ASP A 111 6.57 30.84 -13.96
N GLU A 112 6.98 29.59 -13.83
CA GLU A 112 6.76 28.82 -12.60
C GLU A 112 7.84 27.77 -12.43
N TYR A 113 7.81 27.12 -11.26
CA TYR A 113 8.85 26.17 -10.89
C TYR A 113 8.18 25.11 -10.02
N ALA A 114 8.87 23.98 -9.87
CA ALA A 114 8.47 22.90 -8.98
C ALA A 114 9.68 22.42 -8.11
N PRO A 115 10.18 23.27 -7.18
CA PRO A 115 11.33 22.89 -6.35
C PRO A 115 10.92 21.84 -5.34
N VAL A 116 11.81 20.86 -5.16
CA VAL A 116 11.64 19.82 -4.18
C VAL A 116 11.91 20.40 -2.77
N ILE A 117 10.91 20.31 -1.91
CA ILE A 117 11.01 20.77 -0.54
C ILE A 117 11.11 19.64 0.48
N PHE A 118 10.58 18.46 0.15
CA PHE A 118 10.73 17.27 1.00
C PHE A 118 11.27 16.12 0.16
N SER A 119 12.18 15.32 0.72
CA SER A 119 12.78 14.19 0.01
C SER A 119 13.15 13.04 0.93
N GLN A 120 12.93 11.83 0.42
CA GLN A 120 13.46 10.64 1.04
C GLN A 120 14.99 10.78 0.93
N ASP A 121 15.71 10.36 1.95
CA ASP A 121 17.17 10.57 1.94
C ASP A 121 17.87 9.87 0.75
N SER A 122 17.28 8.79 0.26
CA SER A 122 17.80 8.10 -0.92
C SER A 122 17.85 9.00 -2.15
N VAL A 123 17.01 10.03 -2.19
CA VAL A 123 17.03 11.00 -3.28
C VAL A 123 17.22 12.43 -2.76
N SER A 124 18.07 12.58 -1.74
CA SER A 124 18.30 13.87 -1.09
C SER A 124 18.87 14.92 -2.06
N TYR A 125 19.61 14.46 -3.08
CA TYR A 125 20.15 15.36 -4.11
C TYR A 125 19.07 16.12 -4.89
N LEU A 126 17.80 15.70 -4.78
CA LEU A 126 16.71 16.46 -5.41
C LEU A 126 16.36 17.74 -4.65
N GLU A 127 16.70 17.82 -3.38
CA GLU A 127 16.29 19.00 -2.60
C GLU A 127 16.71 20.34 -3.29
N SER A 128 15.75 21.23 -3.44
CA SER A 128 15.91 22.57 -4.07
C SER A 128 15.94 22.58 -5.60
N LEU A 129 16.02 21.42 -6.23
CA LEU A 129 15.96 21.34 -7.69
C LEU A 129 14.53 21.58 -8.20
N ASP A 130 14.46 22.40 -9.23
CA ASP A 130 13.22 22.65 -9.97
C ASP A 130 12.94 21.48 -10.88
N MET A 131 11.91 20.71 -10.55
CA MET A 131 11.56 19.53 -11.31
CA MET A 131 11.61 19.53 -11.32
C MET A 131 11.00 19.89 -12.70
N MET A 132 10.64 21.16 -12.92
CA MET A 132 10.24 21.59 -14.26
CA MET A 132 10.25 21.59 -14.26
C MET A 132 11.44 21.85 -15.19
N SER A 133 12.66 21.78 -14.66
CA SER A 133 13.86 22.03 -15.45
C SER A 133 14.40 20.80 -16.21
N GLY A 134 13.71 19.67 -16.10
CA GLY A 134 13.95 18.51 -16.97
C GLY A 134 12.70 18.24 -17.76
N GLU A 135 12.84 17.91 -19.05
CA GLU A 135 11.65 17.82 -19.92
C GLU A 135 10.72 16.69 -19.56
N GLU A 136 11.27 15.53 -19.24
CA GLU A 136 10.42 14.40 -18.84
C GLU A 136 9.59 14.73 -17.59
N ASP A 137 10.27 15.28 -16.60
CA ASP A 137 9.64 15.68 -15.34
C ASP A 137 8.62 16.79 -15.54
N ARG A 138 8.94 17.78 -16.39
CA ARG A 138 8.02 18.90 -16.67
C ARG A 138 6.72 18.39 -17.29
N GLU A 139 6.83 17.54 -18.28
CA GLU A 139 5.64 17.03 -18.97
C GLU A 139 4.79 16.20 -18.01
N ASN A 140 5.46 15.42 -17.15
CA ASN A 140 4.75 14.63 -16.15
C ASN A 140 3.97 15.50 -15.18
N ILE A 141 4.61 16.57 -14.70
CA ILE A 141 3.98 17.51 -13.77
C ILE A 141 2.74 18.11 -14.37
N LEU A 142 2.84 18.56 -15.61
CA LEU A 142 1.70 19.18 -16.24
C LEU A 142 0.55 18.20 -16.44
N ARG A 143 0.84 16.98 -16.89
CA ARG A 143 -0.21 16.00 -17.15
C ARG A 143 -0.84 15.55 -15.83
N ALA A 144 -0.02 15.40 -14.79
CA ALA A 144 -0.53 15.08 -13.43
C ALA A 144 -1.57 16.10 -13.01
N ARG A 145 -1.21 17.38 -13.04
CA ARG A 145 -2.09 18.38 -12.49
C ARG A 145 -3.34 18.60 -13.34
N GLU A 146 -3.21 18.43 -14.67
CA GLU A 146 -4.34 18.61 -15.57
C GLU A 146 -5.34 17.46 -15.52
N THR A 147 -4.89 16.23 -15.23
CA THR A 147 -5.75 15.05 -15.23
C THR A 147 -6.21 14.64 -13.83
N GLY A 148 -5.48 15.05 -12.80
CA GLY A 148 -5.78 14.63 -11.42
C GLY A 148 -5.36 13.23 -11.07
N LYS A 149 -4.58 12.59 -11.94
CA LYS A 149 -4.24 11.22 -11.73
C LYS A 149 -2.74 10.96 -11.85
N ALA A 150 -2.33 9.80 -11.37
CA ALA A 150 -0.94 9.36 -11.45
C ALA A 150 -0.52 9.31 -12.91
N VAL A 151 0.68 9.79 -13.23
CA VAL A 151 1.23 9.72 -14.58
C VAL A 151 2.67 9.22 -14.62
N LEU A 152 3.02 8.61 -15.76
CA LEU A 152 4.34 8.07 -16.03
C LEU A 152 5.05 8.75 -17.20
N THR A 153 6.36 8.94 -17.05
CA THR A 153 7.20 9.38 -18.13
C THR A 153 7.57 8.24 -19.09
N SER A 154 8.13 8.62 -20.25
CA SER A 154 8.92 7.71 -21.08
C SER A 154 10.15 7.29 -20.30
N PRO A 155 10.81 6.19 -20.74
CA PRO A 155 12.06 5.84 -20.07
C PRO A 155 13.15 6.86 -20.33
N PHE A 156 13.88 7.23 -19.29
CA PHE A 156 15.07 8.06 -19.44
C PHE A 156 16.07 7.82 -18.32
N ARG A 157 17.29 8.37 -18.46
CA ARG A 157 18.30 8.18 -17.43
C ARG A 157 18.13 9.20 -16.30
N LEU A 158 17.98 8.66 -15.11
CA LEU A 158 17.64 9.41 -13.91
C LEU A 158 18.83 10.18 -13.39
N LEU A 159 18.56 11.20 -12.60
CA LEU A 159 19.60 11.99 -11.96
C LEU A 159 20.48 11.17 -11.02
N GLU A 160 21.75 11.57 -10.97
CA GLU A 160 22.81 11.01 -10.13
CA GLU A 160 22.80 11.00 -10.12
C GLU A 160 23.25 9.60 -10.51
N THR A 161 22.29 8.68 -10.61
CA THR A 161 22.61 7.29 -10.93
C THR A 161 22.78 7.06 -12.41
N HIS A 162 22.07 7.86 -13.20
CA HIS A 162 22.00 7.71 -14.66
C HIS A 162 21.38 6.36 -15.03
N HIS A 163 20.66 5.75 -14.09
CA HIS A 163 20.00 4.48 -14.37
C HIS A 163 18.77 4.71 -15.24
N LEU A 164 18.53 3.81 -16.18
CA LEU A 164 17.36 3.94 -17.05
C LEU A 164 16.09 3.60 -16.26
N GLY A 165 15.19 4.57 -16.15
CA GLY A 165 13.93 4.34 -15.43
C GLY A 165 12.80 5.23 -15.91
N VAL A 166 11.74 5.31 -15.11
CA VAL A 166 10.61 6.20 -15.36
C VAL A 166 10.22 6.91 -14.08
N VAL A 167 9.62 8.08 -14.20
CA VAL A 167 9.19 8.83 -13.03
C VAL A 167 7.67 8.77 -12.96
N LEU A 168 7.16 8.62 -11.74
CA LEU A 168 5.74 8.61 -11.43
C LEU A 168 5.47 9.91 -10.66
N THR A 169 4.41 10.63 -11.04
CA THR A 169 4.05 11.90 -10.41
C THR A 169 2.54 11.92 -10.14
N PHE A 170 2.16 12.33 -8.91
CA PHE A 170 0.77 12.52 -8.48
C PHE A 170 0.65 14.00 -8.15
N PRO A 171 -0.48 14.64 -8.51
CA PRO A 171 -0.79 16.01 -8.13
C PRO A 171 -1.28 16.10 -6.69
N VAL A 172 -0.98 17.20 -6.01
CA VAL A 172 -1.55 17.55 -4.73
C VAL A 172 -2.24 18.87 -4.90
N TYR A 173 -3.53 18.91 -4.55
CA TYR A 173 -4.33 20.12 -4.71
C TYR A 173 -4.62 20.79 -3.37
N LYS A 174 -4.81 22.09 -3.47
CA LYS A 174 -5.33 22.94 -2.41
C LYS A 174 -6.79 22.60 -2.14
N SER A 175 -7.25 22.91 -0.93
CA SER A 175 -8.66 22.71 -0.54
C SER A 175 -9.67 23.54 -1.36
N SER A 176 -9.20 24.54 -2.11
CA SER A 176 -10.05 25.35 -2.95
C SER A 176 -10.46 24.62 -4.25
N LEU A 177 -9.93 23.43 -4.50
CA LEU A 177 -10.33 22.66 -5.71
C LEU A 177 -11.86 22.44 -5.71
N PRO A 178 -12.56 22.91 -6.76
CA PRO A 178 -14.02 22.70 -6.81
C PRO A 178 -14.40 21.23 -6.98
N GLU A 179 -15.62 20.85 -6.64
CA GLU A 179 -16.09 19.51 -7.02
C GLU A 179 -16.29 19.50 -8.54
N ASN A 180 -16.11 18.33 -9.14
CA ASN A 180 -16.03 18.16 -10.60
C ASN A 180 -15.24 19.27 -11.32
N PRO A 181 -13.93 19.37 -11.03
CA PRO A 181 -13.18 20.55 -11.52
C PRO A 181 -12.90 20.49 -13.02
N THR A 182 -12.84 21.66 -13.67
CA THR A 182 -12.33 21.72 -15.04
C THR A 182 -10.80 21.64 -14.97
N VAL A 183 -10.16 21.43 -16.12
CA VAL A 183 -8.70 21.46 -16.14
C VAL A 183 -8.15 22.82 -15.67
N GLU A 184 -8.83 23.89 -16.09
CA GLU A 184 -8.41 25.22 -15.71
C GLU A 184 -8.45 25.37 -14.18
N GLU A 185 -9.47 24.79 -13.57
CA GLU A 185 -9.61 24.83 -12.10
C GLU A 185 -8.54 23.99 -11.38
N ARG A 186 -8.23 22.82 -11.95
CA ARG A 186 -7.16 21.98 -11.44
C ARG A 186 -5.84 22.71 -11.38
N ILE A 187 -5.50 23.38 -12.47
CA ILE A 187 -4.25 24.09 -12.55
C ILE A 187 -4.21 25.18 -11.42
N ALA A 188 -5.30 25.96 -11.30
CA ALA A 188 -5.35 27.07 -10.33
C ALA A 188 -5.24 26.56 -8.89
N ALA A 189 -5.76 25.36 -8.65
CA ALA A 189 -5.78 24.76 -7.32
C ALA A 189 -4.57 23.88 -7.02
N THR A 190 -3.59 23.83 -7.93
CA THR A 190 -2.44 22.95 -7.71
C THR A 190 -1.55 23.46 -6.60
N ALA A 191 -1.24 22.59 -5.62
CA ALA A 191 -0.31 22.91 -4.57
C ALA A 191 1.10 22.42 -4.92
N GLY A 192 1.18 21.23 -5.48
CA GLY A 192 2.46 20.59 -5.84
C GLY A 192 2.28 19.17 -6.34
N TYR A 193 3.39 18.43 -6.28
CA TYR A 193 3.58 17.20 -7.00
C TYR A 193 4.36 16.20 -6.14
N LEU A 194 3.80 15.01 -5.95
CA LEU A 194 4.46 13.95 -5.16
CA LEU A 194 4.46 13.96 -5.18
C LEU A 194 4.96 12.94 -6.20
N GLY A 195 6.26 12.74 -6.23
CA GLY A 195 6.84 11.91 -7.30
C GLY A 195 7.79 10.89 -6.77
N GLY A 196 8.05 9.90 -7.61
CA GLY A 196 8.90 8.80 -7.27
C GLY A 196 9.59 8.31 -8.53
N ALA A 197 10.82 7.81 -8.34
CA ALA A 197 11.64 7.33 -9.44
C ALA A 197 11.54 5.81 -9.45
N PHE A 198 10.96 5.25 -10.51
CA PHE A 198 11.01 3.81 -10.80
CA PHE A 198 11.06 3.80 -10.72
C PHE A 198 12.41 3.55 -11.37
N ASP A 199 13.34 3.04 -10.57
CA ASP A 199 14.67 2.71 -11.07
C ASP A 199 14.56 1.32 -11.67
N VAL A 200 14.12 1.27 -12.92
CA VAL A 200 13.88 0.01 -13.60
C VAL A 200 15.19 -0.78 -13.77
N GLU A 201 16.22 -0.08 -14.24
CA GLU A 201 17.52 -0.71 -14.53
C GLU A 201 18.05 -1.54 -13.36
N SER A 202 18.02 -0.96 -12.17
CA SER A 202 18.56 -1.63 -10.99
C SER A 202 17.53 -2.57 -10.35
N LEU A 203 16.33 -2.04 -10.12
CA LEU A 203 15.39 -2.71 -9.24
C LEU A 203 14.59 -3.81 -9.94
N VAL A 204 14.33 -3.67 -11.23
CA VAL A 204 13.72 -4.76 -12.00
C VAL A 204 14.76 -5.88 -12.25
N GLU A 205 16.01 -5.52 -12.47
CA GLU A 205 17.09 -6.52 -12.55
C GLU A 205 17.18 -7.32 -11.24
N ASN A 206 17.07 -6.61 -10.12
CA ASN A 206 17.12 -7.26 -8.80
C ASN A 206 15.96 -8.23 -8.63
N LEU A 207 14.76 -7.79 -9.01
CA LEU A 207 13.57 -8.61 -8.93
C LEU A 207 13.68 -9.87 -9.80
N LEU A 208 14.00 -9.68 -11.06
CA LEU A 208 14.08 -10.80 -12.02
C LEU A 208 15.24 -11.74 -11.75
N GLY A 209 16.36 -11.19 -11.27
CA GLY A 209 17.59 -11.94 -11.06
C GLY A 209 17.54 -12.95 -9.94
N GLN A 210 16.55 -12.81 -9.06
CA GLN A 210 16.39 -13.74 -7.96
C GLN A 210 15.48 -14.90 -8.30
N LEU A 211 14.79 -14.85 -9.43
CA LEU A 211 13.80 -15.87 -9.78
C LEU A 211 14.49 -17.11 -10.37
N ALA A 212 14.02 -18.29 -9.98
CA ALA A 212 14.48 -19.54 -10.58
C ALA A 212 14.30 -19.50 -12.10
N GLY A 213 15.30 -19.98 -12.84
CA GLY A 213 15.25 -20.03 -14.30
C GLY A 213 15.62 -18.72 -14.98
N ASN A 214 16.07 -17.75 -14.20
CA ASN A 214 16.46 -16.44 -14.75
C ASN A 214 17.59 -16.54 -15.77
N GLN A 215 18.52 -17.47 -15.57
CA GLN A 215 19.66 -17.60 -16.48
C GLN A 215 19.21 -18.15 -17.84
N ALA A 216 18.08 -18.86 -17.88
CA ALA A 216 17.56 -19.46 -19.12
C ALA A 216 16.90 -18.49 -20.10
N ILE A 217 16.48 -17.32 -19.59
CA ILE A 217 15.53 -16.45 -20.25
C ILE A 217 16.13 -15.04 -20.38
N VAL A 218 15.73 -14.36 -21.45
CA VAL A 218 16.07 -12.97 -21.66
C VAL A 218 14.77 -12.21 -21.58
N VAL A 219 14.70 -11.20 -20.71
CA VAL A 219 13.49 -10.41 -20.54
C VAL A 219 13.75 -8.96 -20.97
N HIS A 220 12.89 -8.46 -21.85
CA HIS A 220 12.90 -7.05 -22.26
C HIS A 220 11.53 -6.41 -22.04
N VAL A 221 11.51 -5.13 -21.65
CA VAL A 221 10.25 -4.39 -21.51
C VAL A 221 10.37 -3.15 -22.38
N TYR A 222 9.30 -2.85 -23.10
CA TYR A 222 9.23 -1.72 -24.02
C TYR A 222 8.09 -0.79 -23.68
N ASP A 223 8.36 0.49 -23.88
CA ASP A 223 7.35 1.52 -23.96
C ASP A 223 6.94 1.62 -25.45
N ILE A 224 5.70 1.24 -25.72
CA ILE A 224 5.16 1.19 -27.07
C ILE A 224 4.00 2.18 -27.22
N THR A 225 4.02 3.25 -26.41
CA THR A 225 3.09 4.37 -26.52
C THR A 225 2.98 4.84 -27.97
N ASN A 226 4.12 4.96 -28.64
CA ASN A 226 4.20 5.23 -30.09
C ASN A 226 4.55 3.92 -30.82
N ALA A 227 3.59 3.37 -31.54
CA ALA A 227 3.75 2.08 -32.23
C ALA A 227 5.05 2.00 -33.04
N SER A 228 5.32 3.05 -33.81
CA SER A 228 6.46 3.10 -34.74
C SER A 228 7.79 3.54 -34.09
N ASP A 229 7.75 3.88 -32.81
CA ASP A 229 8.96 4.29 -32.08
C ASP A 229 8.96 3.62 -30.72
N PRO A 230 9.11 2.28 -30.71
CA PRO A 230 9.21 1.56 -29.44
C PRO A 230 10.45 1.97 -28.68
N LEU A 231 10.32 2.15 -27.37
CA LEU A 231 11.45 2.60 -26.55
C LEU A 231 11.76 1.55 -25.51
N VAL A 232 13.02 1.20 -25.38
CA VAL A 232 13.50 0.21 -24.40
CA VAL A 232 13.41 0.20 -24.38
C VAL A 232 13.33 0.78 -22.98
N MET A 233 12.63 0.04 -22.13
CA MET A 233 12.47 0.41 -20.72
C MET A 233 13.35 -0.48 -19.84
N TYR A 234 13.45 -1.76 -20.21
CA TYR A 234 14.33 -2.68 -19.53
C TYR A 234 14.95 -3.68 -20.52
N GLY A 235 16.26 -3.88 -20.40
CA GLY A 235 16.95 -4.98 -21.08
C GLY A 235 17.95 -4.54 -22.14
N ASN A 236 18.87 -5.44 -22.47
CA ASN A 236 19.84 -5.27 -23.55
C ASN A 236 19.24 -5.77 -24.90
N GLN A 237 18.56 -4.86 -25.62
CA GLN A 237 17.89 -5.20 -26.90
C GLN A 237 18.90 -5.46 -28.04
N ASP A 238 19.33 -6.72 -28.14
CA ASP A 238 20.42 -7.09 -29.07
C ASP A 238 21.49 -8.01 -28.50
N GLU A 239 21.32 -8.46 -27.25
CA GLU A 239 22.20 -9.48 -26.69
C GLU A 239 21.97 -10.82 -27.38
N GLU A 240 22.86 -11.78 -27.12
CA GLU A 240 22.71 -13.13 -27.66
C GLU A 240 21.41 -13.75 -27.13
N ALA A 241 20.43 -13.94 -28.01
CA ALA A 241 19.13 -14.49 -27.64
C ALA A 241 18.59 -15.39 -28.75
N ASP A 242 17.68 -16.30 -28.38
CA ASP A 242 17.10 -17.26 -29.31
C ASP A 242 16.16 -16.54 -30.29
N ARG A 243 16.60 -16.40 -31.54
CA ARG A 243 15.87 -15.61 -32.55
C ARG A 243 14.61 -16.31 -33.08
N SER A 244 14.51 -17.62 -32.89
CA SER A 244 13.41 -18.39 -33.48
C SER A 244 12.06 -18.30 -32.73
N LEU A 245 12.10 -18.12 -31.41
CA LEU A 245 10.90 -18.14 -30.58
C LEU A 245 10.88 -16.97 -29.59
N SER A 246 9.72 -16.35 -29.43
CA SER A 246 9.53 -15.34 -28.39
C SER A 246 8.11 -15.37 -27.88
N HIS A 247 7.90 -14.69 -26.76
CA HIS A 247 6.56 -14.51 -26.24
C HIS A 247 6.39 -13.07 -25.80
N GLU A 248 5.19 -12.55 -26.06
CA GLU A 248 4.78 -11.21 -25.62
C GLU A 248 3.80 -11.33 -24.48
N SER A 249 4.16 -10.76 -23.33
CA SER A 249 3.27 -10.72 -22.19
C SER A 249 2.74 -9.31 -21.98
N LYS A 250 1.47 -9.21 -21.62
CA LYS A 250 0.83 -7.93 -21.39
C LYS A 250 1.32 -7.26 -20.10
N LEU A 251 1.49 -5.94 -20.16
CA LEU A 251 1.80 -5.11 -18.98
C LEU A 251 0.89 -3.90 -18.98
N ASP A 252 0.36 -3.55 -17.82
CA ASP A 252 -0.43 -2.33 -17.67
C ASP A 252 0.05 -1.59 -16.42
N PHE A 253 0.81 -0.52 -16.62
CA PHE A 253 1.36 0.25 -15.50
C PHE A 253 0.43 1.37 -15.01
N GLY A 254 -0.75 1.51 -15.60
CA GLY A 254 -1.82 2.28 -14.98
C GLY A 254 -2.08 3.69 -15.47
N ASP A 255 -1.26 4.14 -16.42
CA ASP A 255 -1.42 5.46 -17.01
C ASP A 255 -1.90 5.27 -18.44
N PRO A 256 -3.17 5.62 -18.73
CA PRO A 256 -3.69 5.38 -20.07
C PRO A 256 -2.96 6.16 -21.19
N PHE A 257 -2.14 7.15 -20.82
CA PHE A 257 -1.33 7.85 -21.81
C PHE A 257 -0.17 7.02 -22.35
N ARG A 258 0.25 5.98 -21.60
CA ARG A 258 1.39 5.15 -21.95
C ARG A 258 0.97 3.70 -22.18
N LYS A 259 1.72 3.00 -23.02
CA LYS A 259 1.50 1.58 -23.28
CA LYS A 259 1.50 1.57 -23.28
C LYS A 259 2.83 0.85 -23.17
N HIS A 260 2.79 -0.38 -22.66
CA HIS A 260 3.99 -1.20 -22.44
C HIS A 260 3.74 -2.67 -22.75
N LYS A 261 4.85 -3.38 -23.00
CA LYS A 261 4.84 -4.85 -23.23
C LYS A 261 6.16 -5.47 -22.76
N MET A 262 6.10 -6.75 -22.41
CA MET A 262 7.27 -7.51 -22.07
C MET A 262 7.46 -8.53 -23.19
N ILE A 263 8.72 -8.76 -23.58
CA ILE A 263 9.08 -9.81 -24.52
C ILE A 263 10.14 -10.67 -23.91
N CYS A 264 9.91 -11.99 -23.88
CA CYS A 264 10.89 -12.95 -23.39
C CYS A 264 11.34 -13.88 -24.49
N ARG A 265 12.61 -14.27 -24.45
CA ARG A 265 13.14 -15.36 -25.32
C ARG A 265 14.07 -16.21 -24.49
N TYR A 266 14.43 -17.39 -25.00
CA TYR A 266 15.52 -18.15 -24.41
C TYR A 266 16.87 -17.54 -24.78
N HIS A 267 17.89 -17.75 -23.95
CA HIS A 267 19.27 -17.41 -24.34
C HIS A 267 19.74 -18.11 -25.61
N GLN A 268 19.58 -19.44 -25.65
CA GLN A 268 20.18 -20.29 -26.69
C GLN A 268 19.17 -21.28 -27.30
N ASP B 2 -20.74 -38.37 -17.76
CA ASP B 2 -19.32 -38.85 -17.76
C ASP B 2 -18.81 -38.97 -19.19
N ASP B 3 -17.50 -39.08 -19.47
CA ASP B 3 -16.41 -39.02 -18.50
CA ASP B 3 -16.41 -39.01 -18.49
C ASP B 3 -15.55 -37.78 -18.76
N ALA B 4 -15.33 -37.46 -20.04
CA ALA B 4 -14.61 -36.25 -20.43
C ALA B 4 -15.23 -35.01 -19.79
N ASN B 5 -16.56 -35.00 -19.71
CA ASN B 5 -17.26 -33.89 -19.10
C ASN B 5 -16.97 -33.77 -17.59
N LYS B 6 -16.84 -34.93 -16.91
CA LYS B 6 -16.43 -34.93 -15.50
C LYS B 6 -15.06 -34.29 -15.31
N ILE B 7 -14.12 -34.60 -16.20
CA ILE B 7 -12.78 -34.02 -16.11
C ILE B 7 -12.84 -32.49 -16.23
N ARG B 8 -13.55 -32.01 -17.25
CA ARG B 8 -13.76 -30.57 -17.45
C ARG B 8 -14.42 -29.96 -16.21
N ARG B 9 -15.41 -30.65 -15.66
CA ARG B 9 -16.13 -30.14 -14.51
C ARG B 9 -15.17 -29.92 -13.34
N GLU B 10 -14.29 -30.88 -13.09
CA GLU B 10 -13.24 -30.74 -12.05
C GLU B 10 -12.29 -29.55 -12.33
N GLU B 11 -11.85 -29.42 -13.59
CA GLU B 11 -10.93 -28.35 -13.96
C GLU B 11 -11.58 -26.98 -13.77
N VAL B 12 -12.88 -26.87 -14.03
CA VAL B 12 -13.60 -25.60 -13.79
C VAL B 12 -13.62 -25.30 -12.30
N LEU B 13 -13.92 -26.30 -11.49
CA LEU B 13 -14.01 -26.07 -10.06
C LEU B 13 -12.69 -25.60 -9.46
N VAL B 14 -11.61 -26.27 -9.84
CA VAL B 14 -10.26 -25.89 -9.41
C VAL B 14 -9.97 -24.46 -9.81
N SER B 15 -10.25 -24.10 -11.07
CA SER B 15 -9.95 -22.75 -11.54
CA SER B 15 -9.95 -22.74 -11.56
C SER B 15 -10.76 -21.70 -10.79
N MET B 16 -12.07 -21.94 -10.66
CA MET B 16 -12.98 -21.03 -9.93
C MET B 16 -12.57 -20.79 -8.50
N CYS B 17 -12.26 -21.88 -7.80
CA CYS B 17 -11.88 -21.83 -6.43
C CYS B 17 -10.54 -21.16 -6.23
N ASP B 18 -9.57 -21.56 -7.04
CA ASP B 18 -8.23 -20.97 -6.91
C ASP B 18 -8.29 -19.46 -7.17
N GLN B 19 -9.06 -19.02 -8.15
CA GLN B 19 -9.11 -17.59 -8.46
C GLN B 19 -9.71 -16.80 -7.30
N ARG B 20 -10.79 -17.33 -6.72
CA ARG B 20 -11.44 -16.69 -5.57
C ARG B 20 -10.51 -16.61 -4.37
N ALA B 21 -9.80 -17.70 -4.13
CA ALA B 21 -8.80 -17.74 -3.07
C ALA B 21 -7.70 -16.68 -3.27
N ARG B 22 -7.16 -16.59 -4.49
CA ARG B 22 -6.12 -15.57 -4.79
C ARG B 22 -6.65 -14.17 -4.55
N MET B 23 -7.86 -13.89 -5.04
CA MET B 23 -8.47 -12.56 -4.89
C MET B 23 -8.58 -12.18 -3.43
N LEU B 24 -9.05 -13.11 -2.59
CA LEU B 24 -9.22 -12.86 -1.18
C LEU B 24 -7.88 -12.65 -0.47
N GLN B 25 -6.92 -13.53 -0.75
CA GLN B 25 -5.60 -13.40 -0.16
C GLN B 25 -4.95 -12.07 -0.52
N ASP B 26 -5.10 -11.68 -1.77
CA ASP B 26 -4.45 -10.47 -2.25
C ASP B 26 -5.06 -9.22 -1.59
N GLN B 27 -6.38 -9.20 -1.47
CA GLN B 27 -7.07 -8.07 -0.88
C GLN B 27 -6.73 -7.99 0.59
N PHE B 28 -6.69 -9.15 1.27
CA PHE B 28 -6.27 -9.20 2.65
CA PHE B 28 -6.28 -9.18 2.69
C PHE B 28 -4.86 -8.62 2.80
N SER B 29 -3.96 -9.09 1.94
CA SER B 29 -2.56 -8.68 1.99
C SER B 29 -2.37 -7.15 1.80
N VAL B 30 -3.11 -6.59 0.86
CA VAL B 30 -3.09 -5.15 0.61
C VAL B 30 -3.53 -4.39 1.87
N SER B 31 -4.60 -4.86 2.51
CA SER B 31 -5.08 -4.22 3.73
C SER B 31 -4.11 -4.27 4.89
N VAL B 32 -3.51 -5.45 5.10
CA VAL B 32 -2.52 -5.63 6.14
C VAL B 32 -1.37 -4.66 5.93
N ASN B 33 -0.88 -4.58 4.69
CA ASN B 33 0.24 -3.70 4.38
C ASN B 33 -0.10 -2.23 4.66
N HIS B 34 -1.33 -1.83 4.35
CA HIS B 34 -1.74 -0.43 4.57
C HIS B 34 -1.93 -0.14 6.05
N VAL B 35 -2.38 -1.13 6.81
CA VAL B 35 -2.52 -0.99 8.25
C VAL B 35 -1.14 -0.84 8.89
N HIS B 36 -0.13 -1.52 8.34
CA HIS B 36 1.26 -1.45 8.85
C HIS B 36 1.76 -0.03 8.66
N ALA B 37 1.44 0.56 7.50
CA ALA B 37 1.81 1.95 7.24
C ALA B 37 1.20 2.90 8.25
N LEU B 38 -0.07 2.65 8.62
CA LEU B 38 -0.75 3.48 9.63
C LEU B 38 -0.12 3.34 11.01
N ALA B 39 0.29 2.13 11.35
CA ALA B 39 1.02 1.92 12.61
C ALA B 39 2.32 2.76 12.63
N ILE B 40 3.05 2.75 11.52
CA ILE B 40 4.25 3.55 11.35
C ILE B 40 3.93 5.06 11.41
N LEU B 41 2.82 5.46 10.81
CA LEU B 41 2.42 6.89 10.87
C LEU B 41 2.15 7.31 12.34
N VAL B 42 1.41 6.51 13.10
CA VAL B 42 1.10 6.86 14.50
C VAL B 42 2.43 6.98 15.28
N SER B 43 3.33 6.03 15.06
CA SER B 43 4.64 6.08 15.71
C SER B 43 5.40 7.35 15.37
N THR B 44 5.50 7.65 14.09
CA THR B 44 6.24 8.84 13.67
C THR B 44 5.59 10.12 14.18
N PHE B 45 4.28 10.26 14.01
CA PHE B 45 3.64 11.54 14.26
C PHE B 45 3.20 11.74 15.72
N HIS B 46 2.79 10.69 16.42
CA HIS B 46 2.29 10.79 17.79
C HIS B 46 3.41 10.63 18.84
N TYR B 47 4.43 9.83 18.54
CA TYR B 47 5.47 9.55 19.55
C TYR B 47 6.84 10.16 19.24
N HIS B 48 7.31 10.07 17.99
CA HIS B 48 8.65 10.55 17.64
C HIS B 48 8.72 12.05 17.57
N LYS B 49 7.62 12.67 17.16
CA LYS B 49 7.52 14.11 17.23
C LYS B 49 7.05 14.50 18.59
N ASN B 50 7.67 15.54 19.14
CA ASN B 50 7.22 16.10 20.39
C ASN B 50 7.14 17.60 20.23
N PRO B 51 5.97 18.20 20.51
CA PRO B 51 4.70 17.58 20.91
C PRO B 51 4.12 16.73 19.77
N SER B 52 3.13 15.91 20.10
CA SER B 52 2.48 15.05 19.12
C SER B 52 1.92 15.92 18.02
N ALA B 53 2.03 15.42 16.81
CA ALA B 53 1.55 16.11 15.64
C ALA B 53 0.47 15.33 14.93
N ILE B 54 -0.24 14.49 15.69
CA ILE B 54 -1.41 13.76 15.22
C ILE B 54 -2.49 13.83 16.27
N ASP B 55 -3.73 14.02 15.81
CA ASP B 55 -4.90 14.13 16.70
C ASP B 55 -6.12 13.42 16.07
N GLN B 56 -7.26 13.40 16.75
CA GLN B 56 -8.44 12.67 16.23
C GLN B 56 -8.89 13.21 14.90
N GLU B 57 -8.96 14.53 14.79
CA GLU B 57 -9.42 15.20 13.54
C GLU B 57 -8.55 14.76 12.35
N THR B 58 -7.24 14.79 12.56
CA THR B 58 -6.27 14.47 11.53
C THR B 58 -6.28 12.98 11.18
N PHE B 59 -6.32 12.12 12.20
CA PHE B 59 -6.44 10.68 11.99
C PHE B 59 -7.71 10.33 11.22
N ALA B 60 -8.83 10.93 11.61
CA ALA B 60 -10.10 10.67 10.93
C ALA B 60 -10.02 11.13 9.46
N GLU B 61 -9.42 12.28 9.22
CA GLU B 61 -9.29 12.77 7.82
C GLU B 61 -8.44 11.82 6.98
N TYR B 62 -7.25 11.49 7.50
CA TYR B 62 -6.31 10.67 6.76
C TYR B 62 -6.90 9.26 6.49
N THR B 63 -7.57 8.66 7.48
CA THR B 63 -8.08 7.31 7.31
C THR B 63 -9.28 7.31 6.37
N ALA B 64 -10.11 8.35 6.44
CA ALA B 64 -11.22 8.48 5.49
C ALA B 64 -10.72 8.55 4.05
N ARG B 65 -9.74 9.42 3.83
CA ARG B 65 -9.21 9.64 2.50
C ARG B 65 -8.46 8.43 1.92
N THR B 66 -7.92 7.60 2.79
CA THR B 66 -7.17 6.40 2.38
C THR B 66 -8.00 5.13 2.59
N ALA B 67 -9.30 5.26 2.78
CA ALA B 67 -10.13 4.06 3.01
C ALA B 67 -10.04 3.07 1.85
N PHE B 68 -9.88 3.59 0.63
CA PHE B 68 -9.71 2.77 -0.58
C PHE B 68 -8.49 1.84 -0.56
N GLU B 69 -7.50 2.20 0.24
CA GLU B 69 -6.29 1.42 0.42
C GLU B 69 -6.49 0.17 1.28
N ARG B 70 -7.62 0.07 2.00
CA ARG B 70 -7.83 -1.02 2.95
C ARG B 70 -9.14 -1.75 2.64
N PRO B 71 -9.17 -2.48 1.52
CA PRO B 71 -10.43 -3.02 0.99
C PRO B 71 -11.27 -3.92 1.91
N LEU B 72 -10.70 -4.76 2.72
CA LEU B 72 -11.69 -5.66 3.44
C LEU B 72 -11.98 -5.22 4.88
N LEU B 73 -11.54 -4.01 5.18
CA LEU B 73 -11.64 -3.46 6.54
C LEU B 73 -12.81 -2.50 6.65
N SER B 74 -13.62 -2.64 7.70
CA SER B 74 -14.76 -1.77 7.94
C SER B 74 -14.33 -0.45 8.58
N GLY B 75 -13.10 -0.42 9.11
CA GLY B 75 -12.58 0.75 9.81
C GLY B 75 -11.29 0.44 10.55
N VAL B 76 -10.54 1.48 10.87
CA VAL B 76 -9.29 1.37 11.65
C VAL B 76 -9.32 2.34 12.82
N ALA B 77 -8.62 1.97 13.89
CA ALA B 77 -8.57 2.73 15.10
C ALA B 77 -7.25 2.47 15.83
N TYR B 78 -6.91 3.41 16.71
CA TYR B 78 -5.69 3.35 17.47
C TYR B 78 -6.06 3.40 18.96
N ALA B 79 -5.62 2.37 19.69
CA ALA B 79 -5.88 2.24 21.10
C ALA B 79 -4.55 2.45 21.80
N GLU B 80 -4.55 3.26 22.84
CA GLU B 80 -3.31 3.55 23.52
C GLU B 80 -3.15 2.71 24.79
N LYS B 81 -1.94 2.24 25.06
CA LYS B 81 -1.69 1.52 26.28
C LYS B 81 -1.73 2.49 27.46
N VAL B 82 -2.52 2.15 28.47
CA VAL B 82 -2.68 2.95 29.69
C VAL B 82 -2.60 1.96 30.86
N VAL B 83 -1.61 2.13 31.71
CA VAL B 83 -1.51 1.32 32.95
C VAL B 83 -2.34 2.01 34.05
N ASN B 84 -2.84 1.25 35.02
CA ASN B 84 -3.74 1.85 36.01
C ASN B 84 -3.27 3.13 36.69
N PHE B 85 -1.99 3.26 37.06
CA PHE B 85 -1.51 4.45 37.78
C PHE B 85 -1.67 5.73 36.95
N GLU B 86 -1.77 5.57 35.64
CA GLU B 86 -1.86 6.66 34.71
C GLU B 86 -3.31 6.97 34.39
N ARG B 87 -4.24 6.15 34.83
CA ARG B 87 -5.63 6.27 34.37
C ARG B 87 -6.25 7.62 34.71
N GLU B 88 -6.07 8.12 35.95
CA GLU B 88 -6.63 9.41 36.35
CA GLU B 88 -6.64 9.40 36.34
C GLU B 88 -6.13 10.54 35.44
N MET B 89 -4.83 10.57 35.19
CA MET B 89 -4.23 11.63 34.36
C MET B 89 -4.77 11.50 32.92
N PHE B 90 -4.82 10.27 32.43
CA PHE B 90 -5.29 9.99 31.06
C PHE B 90 -6.72 10.47 30.89
N GLU B 91 -7.60 10.11 31.82
CA GLU B 91 -9.00 10.52 31.70
C GLU B 91 -9.19 12.01 31.84
N ARG B 92 -8.37 12.67 32.64
CA ARG B 92 -8.39 14.13 32.77
CA ARG B 92 -8.44 14.13 32.75
C ARG B 92 -7.96 14.78 31.45
N GLN B 93 -6.92 14.23 30.84
CA GLN B 93 -6.37 14.75 29.58
C GLN B 93 -7.37 14.66 28.42
N HIS B 94 -8.05 13.51 28.32
CA HIS B 94 -8.99 13.25 27.25
C HIS B 94 -10.40 13.73 27.54
N ASN B 95 -10.67 14.09 28.80
CA ASN B 95 -12.00 14.52 29.21
C ASN B 95 -13.08 13.45 28.94
N TRP B 96 -12.70 12.18 29.09
CA TRP B 96 -13.66 11.09 29.14
C TRP B 96 -13.16 9.89 29.94
N VAL B 97 -14.08 9.03 30.35
CA VAL B 97 -13.77 7.83 31.11
C VAL B 97 -13.57 6.61 30.18
N ILE B 98 -12.59 5.78 30.53
CA ILE B 98 -12.38 4.49 29.86
C ILE B 98 -13.59 3.58 30.09
N LYS B 99 -14.15 3.02 29.01
CA LYS B 99 -15.43 2.28 29.09
C LYS B 99 -15.25 0.83 28.67
N THR B 100 -16.17 -0.02 29.12
CA THR B 100 -16.19 -1.41 28.77
C THR B 100 -16.87 -1.61 27.43
N MET B 101 -16.41 -2.62 26.71
CA MET B 101 -16.95 -2.93 25.38
CA MET B 101 -16.95 -2.93 25.40
C MET B 101 -18.39 -3.43 25.43
N ASP B 102 -18.73 -4.21 26.45
CA ASP B 102 -20.02 -4.88 26.42
C ASP B 102 -21.20 -3.96 26.71
N ARG B 103 -21.05 -3.02 27.65
CA ARG B 103 -22.19 -2.15 28.05
CA ARG B 103 -22.17 -2.15 28.06
C ARG B 103 -21.87 -0.63 27.98
N GLY B 104 -20.64 -0.26 27.63
CA GLY B 104 -20.25 1.16 27.59
C GLY B 104 -20.27 1.79 28.98
N GLU B 105 -20.02 0.96 30.00
CA GLU B 105 -20.04 1.45 31.37
C GLU B 105 -18.61 1.79 31.78
N PRO B 106 -18.46 2.66 32.78
CA PRO B 106 -17.09 3.03 33.18
C PRO B 106 -16.33 1.77 33.61
N SER B 107 -15.09 1.61 33.16
CA SER B 107 -14.39 0.36 33.38
C SER B 107 -14.09 0.19 34.88
N PRO B 108 -14.35 -1.00 35.41
CA PRO B 108 -13.76 -1.26 36.72
C PRO B 108 -12.24 -1.19 36.67
N VAL B 109 -11.59 -1.15 37.81
CA VAL B 109 -10.14 -1.11 37.85
C VAL B 109 -9.53 -2.38 37.24
N ARG B 110 -8.53 -2.19 36.40
CA ARG B 110 -7.78 -3.26 35.74
C ARG B 110 -6.33 -2.84 35.83
N ASP B 111 -5.40 -3.79 35.68
CA ASP B 111 -3.97 -3.47 35.73
C ASP B 111 -3.60 -2.48 34.62
N GLU B 112 -4.21 -2.71 33.46
CA GLU B 112 -3.93 -1.88 32.27
C GLU B 112 -5.14 -1.92 31.34
N TYR B 113 -5.14 -1.03 30.37
CA TYR B 113 -6.29 -0.85 29.47
C TYR B 113 -5.74 -0.47 28.09
N ALA B 114 -6.60 -0.57 27.08
CA ALA B 114 -6.29 -0.19 25.69
C ALA B 114 -7.43 0.64 25.12
N PRO B 115 -7.65 1.86 25.67
CA PRO B 115 -8.75 2.69 25.20
C PRO B 115 -8.49 3.26 23.80
N VAL B 116 -9.49 3.17 22.95
CA VAL B 116 -9.38 3.82 21.59
C VAL B 116 -9.34 5.33 21.74
N ILE B 117 -8.27 5.95 21.24
CA ILE B 117 -8.15 7.39 21.24
C ILE B 117 -8.30 8.01 19.84
N PHE B 118 -7.94 7.27 18.80
CA PHE B 118 -8.17 7.76 17.42
C PHE B 118 -9.03 6.74 16.67
N SER B 119 -9.97 7.21 15.86
CA SER B 119 -10.81 6.30 15.14
C SER B 119 -11.26 6.87 13.79
N GLN B 120 -11.28 5.99 12.81
CA GLN B 120 -11.97 6.32 11.56
C GLN B 120 -13.46 6.50 11.88
N ASP B 121 -14.14 7.46 11.24
CA ASP B 121 -15.53 7.78 11.61
C ASP B 121 -16.48 6.56 11.42
N SER B 122 -16.13 5.66 10.50
CA SER B 122 -16.91 4.43 10.28
C SER B 122 -16.96 3.52 11.52
N VAL B 123 -15.98 3.66 12.41
CA VAL B 123 -15.95 2.94 13.68
C VAL B 123 -15.84 3.92 14.87
N SER B 124 -16.54 5.04 14.76
CA SER B 124 -16.52 6.09 15.76
C SER B 124 -16.98 5.58 17.15
N TYR B 125 -17.87 4.59 17.13
CA TYR B 125 -18.37 3.94 18.35
C TYR B 125 -17.28 3.27 19.18
N LEU B 126 -16.10 3.03 18.61
CA LEU B 126 -14.98 2.51 19.38
C LEU B 126 -14.35 3.50 20.37
N GLU B 127 -14.50 4.80 20.13
CA GLU B 127 -13.86 5.83 20.93
CA GLU B 127 -13.81 5.81 20.92
C GLU B 127 -14.11 5.62 22.42
N SER B 128 -13.02 5.58 23.18
CA SER B 128 -13.02 5.44 24.66
C SER B 128 -13.21 4.03 25.13
N LEU B 129 -13.55 3.10 24.25
CA LEU B 129 -13.70 1.71 24.66
C LEU B 129 -12.33 1.05 24.92
N ASP B 130 -12.26 0.31 26.03
CA ASP B 130 -11.09 -0.48 26.36
C ASP B 130 -11.09 -1.77 25.55
N MET B 131 -10.18 -1.86 24.56
CA MET B 131 -10.17 -3.01 23.68
C MET B 131 -9.71 -4.29 24.40
N MET B 132 -9.17 -4.16 25.63
CA MET B 132 -8.85 -5.32 26.43
C MET B 132 -10.07 -5.93 27.11
N SER B 133 -11.22 -5.26 27.03
CA SER B 133 -12.42 -5.76 27.69
C SER B 133 -13.22 -6.71 26.82
N GLY B 134 -12.69 -7.05 25.66
CA GLY B 134 -13.22 -8.11 24.83
C GLY B 134 -12.13 -9.16 24.69
N GLU B 135 -12.49 -10.43 24.85
CA GLU B 135 -11.46 -11.47 24.91
C GLU B 135 -10.70 -11.67 23.62
N GLU B 136 -11.37 -11.60 22.46
CA GLU B 136 -10.67 -11.77 21.19
C GLU B 136 -9.69 -10.63 20.97
N ASP B 137 -10.15 -9.41 21.24
CA ASP B 137 -9.30 -8.21 21.07
C ASP B 137 -8.14 -8.20 22.07
N ARG B 138 -8.41 -8.66 23.28
CA ARG B 138 -7.38 -8.70 24.33
C ARG B 138 -6.22 -9.63 23.96
N GLU B 139 -6.57 -10.85 23.58
CA GLU B 139 -5.56 -11.84 23.14
C GLU B 139 -4.79 -11.32 21.95
N ASN B 140 -5.48 -10.67 21.01
CA ASN B 140 -4.81 -10.09 19.88
C ASN B 140 -3.77 -9.04 20.29
N ILE B 141 -4.17 -8.16 21.19
CA ILE B 141 -3.32 -7.07 21.66
C ILE B 141 -2.06 -7.65 22.33
N LEU B 142 -2.22 -8.65 23.19
CA LEU B 142 -1.06 -9.22 23.84
C LEU B 142 -0.07 -9.87 22.84
N ARG B 143 -0.60 -10.66 21.91
CA ARG B 143 0.27 -11.33 20.97
C ARG B 143 0.95 -10.35 19.98
N ALA B 144 0.23 -9.29 19.59
CA ALA B 144 0.78 -8.22 18.75
C ALA B 144 1.99 -7.62 19.46
N ARG B 145 1.82 -7.21 20.72
CA ARG B 145 2.92 -6.56 21.41
C ARG B 145 4.07 -7.49 21.73
N GLU B 146 3.81 -8.75 22.04
CA GLU B 146 4.88 -9.71 22.34
C GLU B 146 5.66 -10.16 21.11
N THR B 147 5.01 -10.24 19.96
CA THR B 147 5.68 -10.71 18.72
C THR B 147 6.28 -9.62 17.86
N GLY B 148 5.75 -8.40 17.96
CA GLY B 148 6.21 -7.29 17.14
C GLY B 148 5.64 -7.29 15.74
N LYS B 149 4.62 -8.12 15.51
CA LYS B 149 4.06 -8.33 14.15
C LYS B 149 2.54 -8.35 14.15
N ALA B 150 1.99 -8.24 12.95
CA ALA B 150 0.53 -8.23 12.78
C ALA B 150 -0.04 -9.53 13.28
N VAL B 151 -1.21 -9.49 13.92
CA VAL B 151 -1.90 -10.69 14.34
C VAL B 151 -3.38 -10.62 14.04
N LEU B 152 -3.95 -11.81 13.89
CA LEU B 152 -5.36 -11.99 13.61
C LEU B 152 -6.06 -12.79 14.70
N THR B 153 -7.30 -12.42 14.97
CA THR B 153 -8.19 -13.19 15.83
C THR B 153 -8.81 -14.38 15.10
N SER B 154 -9.48 -15.25 15.86
CA SER B 154 -10.43 -16.20 15.34
C SER B 154 -11.66 -15.43 14.84
N PRO B 155 -12.51 -16.08 14.05
CA PRO B 155 -13.73 -15.40 13.64
C PRO B 155 -14.66 -15.16 14.83
N PHE B 156 -15.20 -13.95 14.94
CA PHE B 156 -16.14 -13.64 15.98
C PHE B 156 -17.02 -12.47 15.52
N ARG B 157 -18.10 -12.23 16.25
CA ARG B 157 -19.06 -11.21 15.83
C ARG B 157 -18.64 -9.84 16.34
N LEU B 158 -18.57 -8.91 15.40
CA LEU B 158 -18.01 -7.58 15.65
C LEU B 158 -19.01 -6.67 16.34
N LEU B 159 -18.49 -5.67 17.01
CA LEU B 159 -19.31 -4.62 17.63
C LEU B 159 -20.21 -3.92 16.64
N GLU B 160 -21.37 -3.50 17.14
CA GLU B 160 -22.32 -2.65 16.43
C GLU B 160 -23.09 -3.37 15.33
N THR B 161 -22.37 -3.94 14.37
CA THR B 161 -23.00 -4.60 13.23
C THR B 161 -23.36 -6.07 13.51
N HIS B 162 -22.62 -6.69 14.44
CA HIS B 162 -22.68 -8.13 14.75
C HIS B 162 -22.31 -9.01 13.55
N HIS B 163 -21.60 -8.43 12.58
CA HIS B 163 -21.13 -9.20 11.43
C HIS B 163 -19.98 -10.11 11.86
N LEU B 164 -19.94 -11.32 11.31
CA LEU B 164 -18.83 -12.24 11.56
C LEU B 164 -17.59 -11.73 10.85
N GLY B 165 -16.50 -11.58 11.61
CA GLY B 165 -15.27 -11.05 11.07
C GLY B 165 -14.04 -11.46 11.87
N VAL B 166 -12.89 -10.88 11.52
CA VAL B 166 -11.64 -11.09 12.24
C VAL B 166 -10.96 -9.73 12.44
N VAL B 167 -10.33 -9.56 13.60
CA VAL B 167 -9.64 -8.33 13.90
C VAL B 167 -8.14 -8.50 13.63
N LEU B 168 -7.58 -7.47 13.03
CA LEU B 168 -6.16 -7.35 12.73
C LEU B 168 -5.58 -6.30 13.69
N THR B 169 -4.51 -6.63 14.39
CA THR B 169 -3.82 -5.69 15.29
C THR B 169 -2.33 -5.63 14.99
N PHE B 170 -1.79 -4.40 14.93
CA PHE B 170 -0.34 -4.15 14.85
C PHE B 170 0.09 -3.45 16.11
N PRO B 171 1.25 -3.83 16.66
CA PRO B 171 1.75 -3.06 17.80
C PRO B 171 2.40 -1.74 17.37
N VAL B 172 2.37 -0.73 18.24
CA VAL B 172 3.08 0.50 18.05
C VAL B 172 3.99 0.66 19.27
N TYR B 173 5.27 0.88 19.06
CA TYR B 173 6.23 0.96 20.16
C TYR B 173 6.79 2.35 20.34
N LYS B 174 7.31 2.57 21.55
CA LYS B 174 8.11 3.75 21.86
C LYS B 174 9.51 3.60 21.28
N SER B 175 10.17 4.73 21.12
CA SER B 175 11.55 4.77 20.60
C SER B 175 12.55 4.13 21.55
N SER B 176 12.16 3.94 22.82
CA SER B 176 13.02 3.24 23.78
C SER B 176 13.13 1.74 23.52
N LEU B 177 12.34 1.19 22.58
CA LEU B 177 12.46 -0.22 22.19
C LEU B 177 13.92 -0.50 21.78
N PRO B 178 14.58 -1.46 22.44
CA PRO B 178 15.95 -1.83 22.05
C PRO B 178 15.97 -2.57 20.72
N GLU B 179 17.14 -2.70 20.10
CA GLU B 179 17.23 -3.52 18.90
C GLU B 179 17.36 -4.99 19.32
N ASN B 180 16.78 -5.88 18.51
CA ASN B 180 16.64 -7.30 18.86
C ASN B 180 16.07 -7.48 20.26
N PRO B 181 14.90 -6.89 20.50
CA PRO B 181 14.33 -6.88 21.83
C PRO B 181 13.82 -8.24 22.28
N THR B 182 13.85 -8.47 23.59
CA THR B 182 13.21 -9.61 24.16
C THR B 182 11.73 -9.30 24.21
N VAL B 183 10.93 -10.30 24.49
CA VAL B 183 9.49 -10.06 24.67
C VAL B 183 9.24 -9.13 25.87
N GLU B 184 9.99 -9.29 26.95
CA GLU B 184 9.82 -8.39 28.09
C GLU B 184 10.11 -6.92 27.71
N GLU B 185 11.13 -6.72 26.90
CA GLU B 185 11.48 -5.38 26.39
C GLU B 185 10.36 -4.82 25.49
N ARG B 186 9.78 -5.68 24.64
CA ARG B 186 8.66 -5.26 23.82
CA ARG B 186 8.66 -5.26 23.82
C ARG B 186 7.48 -4.78 24.64
N ILE B 187 7.12 -5.54 25.67
CA ILE B 187 6.01 -5.17 26.52
C ILE B 187 6.26 -3.82 27.17
N ALA B 188 7.47 -3.62 27.71
CA ALA B 188 7.82 -2.41 28.41
C ALA B 188 7.81 -1.18 27.48
N ALA B 189 8.13 -1.42 26.23
CA ALA B 189 8.23 -0.36 25.23
C ALA B 189 6.93 -0.16 24.45
N THR B 190 5.86 -0.88 24.80
CA THR B 190 4.60 -0.77 24.06
C THR B 190 3.91 0.58 24.26
N ALA B 191 3.52 1.23 23.16
CA ALA B 191 2.75 2.48 23.23
C ALA B 191 1.28 2.25 23.00
N GLY B 192 0.94 1.34 22.08
CA GLY B 192 -0.43 1.11 21.69
C GLY B 192 -0.58 0.13 20.57
N TYR B 193 -1.79 0.10 20.02
CA TYR B 193 -2.24 -0.98 19.13
C TYR B 193 -3.09 -0.35 18.05
N LEU B 194 -2.67 -0.56 16.82
CA LEU B 194 -3.40 -0.07 15.67
C LEU B 194 -4.14 -1.26 15.09
N GLY B 195 -5.46 -1.17 15.07
CA GLY B 195 -6.26 -2.30 14.58
C GLY B 195 -7.36 -1.96 13.60
N GLY B 196 -7.91 -3.01 13.03
CA GLY B 196 -9.12 -2.90 12.25
C GLY B 196 -9.83 -4.21 12.10
N ALA B 197 -11.11 -4.10 11.70
CA ALA B 197 -11.98 -5.23 11.60
C ALA B 197 -12.12 -5.60 10.14
N PHE B 198 -11.77 -6.83 9.83
CA PHE B 198 -12.07 -7.43 8.54
C PHE B 198 -13.51 -7.93 8.66
N ASP B 199 -14.43 -7.21 8.01
CA ASP B 199 -15.83 -7.58 8.04
C ASP B 199 -16.05 -8.61 6.95
N VAL B 200 -15.92 -9.86 7.35
CA VAL B 200 -15.93 -10.96 6.38
C VAL B 200 -17.33 -11.12 5.87
N GLU B 201 -18.29 -11.16 6.78
CA GLU B 201 -19.67 -11.44 6.43
C GLU B 201 -20.17 -10.51 5.33
N SER B 202 -19.90 -9.21 5.45
CA SER B 202 -20.39 -8.27 4.46
C SER B 202 -19.40 -8.10 3.31
N LEU B 203 -18.15 -7.77 3.64
CA LEU B 203 -17.23 -7.35 2.60
C LEU B 203 -16.65 -8.50 1.76
N VAL B 204 -16.42 -9.68 2.34
CA VAL B 204 -16.04 -10.82 1.51
C VAL B 204 -17.21 -11.31 0.65
N GLU B 205 -18.43 -11.24 1.19
CA GLU B 205 -19.62 -11.53 0.42
C GLU B 205 -19.73 -10.59 -0.76
N ASN B 206 -19.47 -9.30 -0.55
CA ASN B 206 -19.50 -8.33 -1.67
CA ASN B 206 -19.53 -8.36 -1.66
C ASN B 206 -18.47 -8.68 -2.72
N LEU B 207 -17.28 -9.05 -2.29
CA LEU B 207 -16.18 -9.45 -3.18
C LEU B 207 -16.50 -10.72 -3.99
N LEU B 208 -16.93 -11.80 -3.33
CA LEU B 208 -17.09 -13.11 -3.98
C LEU B 208 -18.48 -13.33 -4.57
N GLY B 209 -19.51 -12.82 -3.90
CA GLY B 209 -20.89 -13.04 -4.33
C GLY B 209 -21.33 -12.49 -5.67
N GLN B 210 -20.68 -11.43 -6.15
CA GLN B 210 -21.03 -10.87 -7.47
C GLN B 210 -20.30 -11.53 -8.66
N LEU B 211 -19.44 -12.52 -8.38
CA LEU B 211 -18.60 -13.12 -9.43
C LEU B 211 -19.37 -14.12 -10.28
N ALA B 212 -19.12 -14.10 -11.58
CA ALA B 212 -19.77 -15.05 -12.49
C ALA B 212 -19.57 -16.48 -11.98
N GLY B 213 -20.64 -17.26 -12.04
CA GLY B 213 -20.60 -18.65 -11.61
C GLY B 213 -20.88 -18.86 -10.14
N ASN B 214 -21.16 -17.80 -9.40
CA ASN B 214 -21.42 -17.90 -7.96
C ASN B 214 -22.57 -18.86 -7.61
N GLN B 215 -23.61 -18.89 -8.44
CA GLN B 215 -24.78 -19.73 -8.15
C GLN B 215 -24.50 -21.23 -8.36
N ALA B 216 -23.41 -21.57 -9.05
CA ALA B 216 -23.08 -22.98 -9.32
C ALA B 216 -22.21 -23.63 -8.23
N ILE B 217 -21.60 -22.82 -7.37
CA ILE B 217 -20.70 -23.37 -6.34
C ILE B 217 -21.00 -22.88 -4.92
N VAL B 218 -20.60 -23.72 -3.96
CA VAL B 218 -20.69 -23.44 -2.53
C VAL B 218 -19.27 -23.11 -2.07
N VAL B 219 -19.05 -21.93 -1.49
CA VAL B 219 -17.71 -21.51 -1.05
C VAL B 219 -17.69 -21.36 0.48
N HIS B 220 -16.70 -21.97 1.13
CA HIS B 220 -16.44 -21.70 2.54
C HIS B 220 -15.02 -21.26 2.74
N VAL B 221 -14.80 -20.43 3.76
CA VAL B 221 -13.47 -20.17 4.26
C VAL B 221 -13.49 -20.62 5.72
N TYR B 222 -12.50 -21.42 6.08
CA TYR B 222 -12.35 -21.93 7.45
C TYR B 222 -11.06 -21.45 8.08
N ASP B 223 -11.14 -21.14 9.37
CA ASP B 223 -10.00 -20.97 10.24
C ASP B 223 -9.70 -22.38 10.77
N ILE B 224 -8.57 -22.92 10.35
CA ILE B 224 -8.22 -24.29 10.70
C ILE B 224 -7.01 -24.31 11.61
N THR B 225 -6.85 -23.26 12.42
CA THR B 225 -5.76 -23.19 13.38
C THR B 225 -5.71 -24.44 14.28
N ASN B 226 -6.88 -24.87 14.74
CA ASN B 226 -7.03 -26.16 15.41
C ASN B 226 -7.72 -27.10 14.42
N ALA B 227 -6.91 -27.99 13.84
CA ALA B 227 -7.41 -28.94 12.83
C ALA B 227 -8.63 -29.75 13.28
N SER B 228 -8.72 -30.06 14.58
CA SER B 228 -9.89 -30.78 15.12
C SER B 228 -11.13 -29.89 15.39
N ASP B 229 -10.98 -28.56 15.26
CA ASP B 229 -12.07 -27.63 15.52
C ASP B 229 -12.06 -26.52 14.46
N PRO B 230 -12.36 -26.88 13.20
CA PRO B 230 -12.42 -25.83 12.20
C PRO B 230 -13.55 -24.84 12.50
N LEU B 231 -13.28 -23.56 12.26
CA LEU B 231 -14.22 -22.50 12.57
C LEU B 231 -14.54 -21.79 11.28
N VAL B 232 -15.82 -21.64 10.99
CA VAL B 232 -16.24 -20.97 9.79
C VAL B 232 -15.89 -19.48 9.89
N MET B 233 -15.23 -18.98 8.85
CA MET B 233 -14.96 -17.54 8.70
C MET B 233 -15.93 -16.96 7.68
N TYR B 234 -16.20 -17.73 6.62
CA TYR B 234 -17.12 -17.35 5.56
C TYR B 234 -17.94 -18.58 5.07
N GLY B 235 -19.24 -18.36 4.87
CA GLY B 235 -20.16 -19.39 4.33
C GLY B 235 -21.11 -19.95 5.37
N ASN B 236 -21.90 -20.97 5.00
CA ASN B 236 -22.96 -21.54 5.84
C ASN B 236 -22.43 -22.58 6.86
N GLN B 237 -23.33 -23.20 7.60
CA GLN B 237 -22.92 -24.06 8.72
C GLN B 237 -22.93 -25.56 8.34
N ASP B 238 -22.93 -25.87 7.04
CA ASP B 238 -23.03 -27.26 6.60
C ASP B 238 -21.76 -28.07 6.92
N GLU B 239 -21.95 -29.31 7.37
CA GLU B 239 -20.86 -30.16 7.86
C GLU B 239 -20.82 -31.50 7.12
N SER B 244 -19.66 -34.51 -2.08
CA SER B 244 -18.55 -35.35 -2.50
C SER B 244 -17.38 -34.51 -3.01
N LEU B 245 -17.50 -34.03 -4.25
CA LEU B 245 -16.42 -33.38 -4.96
C LEU B 245 -16.21 -31.95 -4.45
N SER B 246 -15.23 -31.78 -3.57
CA SER B 246 -14.80 -30.47 -3.15
C SER B 246 -13.40 -30.20 -3.72
N HIS B 247 -12.94 -28.98 -3.51
CA HIS B 247 -11.58 -28.63 -3.78
C HIS B 247 -11.10 -27.70 -2.69
N GLU B 248 -9.90 -27.94 -2.19
CA GLU B 248 -9.27 -27.07 -1.20
CA GLU B 248 -9.28 -27.06 -1.20
C GLU B 248 -8.33 -26.11 -1.91
N SER B 249 -8.55 -24.81 -1.73
CA SER B 249 -7.63 -23.81 -2.25
C SER B 249 -6.88 -23.18 -1.09
N LYS B 250 -5.60 -22.90 -1.31
CA LYS B 250 -4.72 -22.35 -0.27
C LYS B 250 -5.01 -20.87 0.04
N LEU B 251 -4.94 -20.52 1.33
CA LEU B 251 -4.97 -19.12 1.81
C LEU B 251 -3.88 -18.93 2.85
N ASP B 252 -3.25 -17.77 2.82
CA ASP B 252 -2.29 -17.38 3.84
C ASP B 252 -2.54 -15.92 4.16
N PHE B 253 -3.14 -15.68 5.33
CA PHE B 253 -3.45 -14.31 5.74
C PHE B 253 -2.36 -13.62 6.58
N GLY B 254 -1.20 -14.26 6.70
CA GLY B 254 0.00 -13.54 7.12
C GLY B 254 0.33 -13.64 8.61
N ASP B 255 -0.52 -14.28 9.41
CA ASP B 255 -0.22 -14.54 10.84
C ASP B 255 0.12 -16.03 11.07
N PRO B 256 1.39 -16.36 11.34
CA PRO B 256 1.79 -17.78 11.57
C PRO B 256 1.05 -18.54 12.68
N PHE B 257 0.39 -17.81 13.58
CA PHE B 257 -0.37 -18.40 14.68
C PHE B 257 -1.70 -19.00 14.22
N ARG B 258 -2.18 -18.52 13.05
CA ARG B 258 -3.45 -18.96 12.50
C ARG B 258 -3.23 -19.67 11.16
N LYS B 259 -4.16 -20.55 10.82
CA LYS B 259 -4.17 -21.20 9.49
CA LYS B 259 -4.18 -21.18 9.48
C LYS B 259 -5.58 -21.12 8.92
N HIS B 260 -5.67 -20.98 7.59
CA HIS B 260 -6.96 -20.87 6.93
C HIS B 260 -6.94 -21.67 5.63
N LYS B 261 -8.14 -21.95 5.12
CA LYS B 261 -8.28 -22.57 3.79
C LYS B 261 -9.62 -22.19 3.18
N MET B 262 -9.70 -22.23 1.85
CA MET B 262 -10.98 -22.07 1.14
C MET B 262 -11.39 -23.45 0.62
N ILE B 263 -12.67 -23.78 0.77
CA ILE B 263 -13.23 -24.99 0.17
C ILE B 263 -14.37 -24.60 -0.74
N CYS B 264 -14.38 -25.17 -1.95
CA CYS B 264 -15.45 -24.95 -2.88
C CYS B 264 -16.02 -26.30 -3.33
N ARG B 265 -17.31 -26.31 -3.56
CA ARG B 265 -18.05 -27.50 -3.95
CA ARG B 265 -18.07 -27.51 -3.93
C ARG B 265 -19.14 -27.11 -4.95
N TYR B 266 -19.57 -28.04 -5.79
CA TYR B 266 -20.74 -27.76 -6.63
C TYR B 266 -22.00 -28.01 -5.81
N HIS B 267 -23.07 -27.28 -6.11
CA HIS B 267 -24.38 -27.51 -5.46
C HIS B 267 -24.94 -28.93 -5.65
N GLN B 268 -24.92 -29.43 -6.89
CA GLN B 268 -25.49 -30.75 -7.21
CA GLN B 268 -25.48 -30.75 -7.22
C GLN B 268 -24.40 -31.76 -7.55
#